data_2B3R
#
_entry.id   2B3R
#
_cell.length_a   53.365
_cell.length_b   53.365
_cell.length_c   200.110
_cell.angle_alpha   90.00
_cell.angle_beta   90.00
_cell.angle_gamma   90.00
#
_symmetry.space_group_name_H-M   'P 41 21 2'
#
loop_
_entity.id
_entity.type
_entity.pdbx_description
1 polymer 'Phosphatidylinositol-4-phosphate 3-kinase C2 domain-containing alpha polypeptide'
2 non-polymer 'SULFATE ION'
3 water water
#
_entity_poly.entity_id   1
_entity_poly.type   'polypeptide(L)'
_entity_poly.pdbx_seq_one_letter_code
;HHHHHHGSGAVKLSVSYRNGTLFIMVMHIKDLVTEDGADPNPYVKTYLLPDTHKTSKRKTKISRKTRNPTFNEMLVYSGY
SKETLRQRELQLSVLSAESLRENFFLGGITLPLKDFNLSKETVKWYQLTAATYL
;
_entity_poly.pdbx_strand_id   A,B
#
loop_
_chem_comp.id
_chem_comp.type
_chem_comp.name
_chem_comp.formula
SO4 non-polymer 'SULFATE ION' 'O4 S -2'
#
# COMPACT_ATOMS: atom_id res chain seq x y z
N GLY A 7 -28.18 0.90 3.53
CA GLY A 7 -27.16 -0.21 3.48
C GLY A 7 -25.76 0.25 3.85
N SER A 8 -25.55 1.57 3.75
CA SER A 8 -24.28 2.21 4.07
C SER A 8 -23.12 1.87 3.14
N GLY A 9 -23.37 1.01 2.16
CA GLY A 9 -22.32 0.65 1.22
C GLY A 9 -21.67 -0.71 1.50
N ALA A 10 -20.81 -1.13 0.59
CA ALA A 10 -20.13 -2.40 0.77
C ALA A 10 -18.74 -2.28 0.17
N VAL A 11 -17.80 -2.99 0.79
CA VAL A 11 -16.41 -2.97 0.39
C VAL A 11 -15.93 -4.36 -0.04
N LYS A 12 -15.19 -4.42 -1.13
CA LYS A 12 -14.66 -5.70 -1.57
C LYS A 12 -13.21 -5.81 -1.06
N LEU A 13 -12.90 -6.90 -0.35
CA LEU A 13 -11.57 -7.13 0.20
C LEU A 13 -11.04 -8.51 -0.12
N SER A 14 -9.72 -8.61 -0.15
CA SER A 14 -9.03 -9.87 -0.34
C SER A 14 -8.20 -10.00 0.92
N VAL A 15 -8.42 -11.08 1.68
CA VAL A 15 -7.68 -11.30 2.90
C VAL A 15 -6.88 -12.58 2.78
N SER A 16 -5.55 -12.46 2.92
CA SER A 16 -4.67 -13.61 2.83
C SER A 16 -3.45 -13.43 3.74
N TYR A 17 -2.76 -14.53 3.95
CA TYR A 17 -1.61 -14.55 4.84
C TYR A 17 -0.52 -15.45 4.27
N ARG A 18 0.69 -14.90 4.14
CA ARG A 18 1.81 -15.70 3.63
C ARG A 18 3.12 -15.13 4.17
N ASN A 19 4.09 -16.03 4.34
CA ASN A 19 5.40 -15.66 4.85
C ASN A 19 5.29 -14.78 6.10
N GLY A 20 4.42 -15.19 7.03
CA GLY A 20 4.23 -14.48 8.28
C GLY A 20 3.63 -13.07 8.16
N THR A 21 3.11 -12.72 6.99
CA THR A 21 2.53 -11.38 6.76
C THR A 21 1.04 -11.43 6.37
N LEU A 22 0.22 -10.58 6.99
CA LEU A 22 -1.22 -10.52 6.69
C LEU A 22 -1.42 -9.53 5.54
N PHE A 23 -2.15 -9.92 4.52
CA PHE A 23 -2.37 -9.02 3.40
C PHE A 23 -3.85 -8.68 3.24
N ILE A 24 -4.15 -7.39 3.36
CA ILE A 24 -5.52 -6.89 3.24
C ILE A 24 -5.61 -6.02 1.99
N MET A 25 -6.20 -6.55 0.93
CA MET A 25 -6.32 -5.74 -0.27
C MET A 25 -7.71 -5.10 -0.34
N VAL A 26 -7.74 -3.77 -0.33
CA VAL A 26 -8.99 -3.03 -0.41
C VAL A 26 -9.18 -2.79 -1.90
N MET A 27 -10.10 -3.53 -2.51
CA MET A 27 -10.35 -3.39 -3.94
C MET A 27 -11.24 -2.19 -4.26
N HIS A 28 -12.53 -2.26 -3.93
CA HIS A 28 -13.37 -1.10 -4.12
C HIS A 28 -14.58 -1.06 -3.24
N ILE A 29 -15.27 0.07 -3.27
CA ILE A 29 -16.45 0.26 -2.45
C ILE A 29 -17.58 0.72 -3.35
N LYS A 30 -18.80 0.34 -3.01
CA LYS A 30 -19.97 0.77 -3.79
C LYS A 30 -21.02 1.33 -2.84
N ASP A 31 -21.79 2.29 -3.32
CA ASP A 31 -22.91 2.85 -2.56
C ASP A 31 -22.69 3.55 -1.23
N LEU A 32 -21.59 4.28 -1.09
CA LEU A 32 -21.40 4.98 0.17
C LEU A 32 -22.47 6.07 0.19
N VAL A 33 -22.89 6.47 1.38
CA VAL A 33 -23.86 7.55 1.49
C VAL A 33 -23.44 8.58 2.54
N THR A 34 -23.65 9.85 2.22
CA THR A 34 -23.35 10.95 3.12
C THR A 34 -24.74 11.42 3.51
N GLU A 35 -24.87 12.21 4.56
CA GLU A 35 -26.22 12.64 4.90
C GLU A 35 -26.50 14.00 4.27
N ASP A 36 -25.95 14.24 3.07
CA ASP A 36 -26.16 15.55 2.45
C ASP A 36 -26.05 15.59 0.94
N GLY A 37 -26.07 14.43 0.29
CA GLY A 37 -25.98 14.44 -1.16
C GLY A 37 -24.71 14.95 -1.82
N ALA A 38 -23.67 15.24 -1.05
CA ALA A 38 -22.40 15.69 -1.62
C ALA A 38 -21.49 14.47 -1.79
N ASP A 39 -20.79 14.38 -2.92
CA ASP A 39 -19.88 13.24 -3.09
C ASP A 39 -18.70 13.41 -2.14
N PRO A 40 -18.46 12.41 -1.27
CA PRO A 40 -17.37 12.44 -0.29
C PRO A 40 -15.99 12.20 -0.95
N ASN A 41 -14.92 12.24 -0.15
CA ASN A 41 -13.56 11.99 -0.68
C ASN A 41 -13.08 10.85 0.19
N PRO A 42 -13.63 9.65 -0.04
CA PRO A 42 -13.29 8.47 0.74
C PRO A 42 -11.89 7.89 0.75
N TYR A 43 -11.50 7.39 1.92
CA TYR A 43 -10.25 6.67 2.12
C TYR A 43 -10.56 5.59 3.17
N VAL A 44 -9.80 4.51 3.16
CA VAL A 44 -10.04 3.43 4.11
C VAL A 44 -8.92 3.36 5.15
N LYS A 45 -9.33 3.20 6.41
CA LYS A 45 -8.39 3.08 7.51
C LYS A 45 -8.66 1.80 8.30
N THR A 46 -7.60 1.07 8.62
CA THR A 46 -7.74 -0.14 9.38
C THR A 46 -6.81 -0.15 10.57
N TYR A 47 -7.23 -0.94 11.55
CA TYR A 47 -6.49 -1.18 12.78
C TYR A 47 -6.65 -2.67 13.08
N LEU A 48 -5.71 -3.20 13.85
CA LEU A 48 -5.75 -4.61 14.27
C LEU A 48 -5.84 -4.46 15.78
N LEU A 49 -6.99 -4.84 16.34
CA LEU A 49 -7.24 -4.65 17.77
C LEU A 49 -7.51 -5.92 18.58
N PRO A 50 -7.15 -5.89 19.88
CA PRO A 50 -6.50 -4.75 20.54
C PRO A 50 -5.07 -4.55 20.01
N ASP A 51 -4.60 -3.29 20.06
CA ASP A 51 -3.28 -2.90 19.56
C ASP A 51 -2.42 -2.53 20.76
N THR A 52 -1.64 -3.50 21.23
CA THR A 52 -0.76 -3.32 22.38
C THR A 52 0.19 -2.14 22.22
N HIS A 53 0.97 -2.17 21.14
CA HIS A 53 1.97 -1.14 20.89
C HIS A 53 1.51 0.09 20.13
N LYS A 54 0.24 0.15 19.73
CA LYS A 54 -0.24 1.34 19.01
C LYS A 54 0.54 1.50 17.71
N THR A 55 0.62 0.41 16.94
CA THR A 55 1.35 0.43 15.69
C THR A 55 0.53 -0.01 14.47
N SER A 56 -0.74 -0.40 14.67
CA SER A 56 -1.51 -0.92 13.55
C SER A 56 -2.29 -0.01 12.62
N LYS A 57 -2.20 1.30 12.74
CA LYS A 57 -2.98 2.12 11.80
C LYS A 57 -2.45 1.96 10.37
N ARG A 58 -3.35 1.74 9.43
CA ARG A 58 -2.98 1.64 8.03
C ARG A 58 -4.08 2.33 7.25
N LYS A 59 -3.69 2.99 6.18
CA LYS A 59 -4.69 3.64 5.35
C LYS A 59 -4.34 3.74 3.88
N THR A 60 -5.38 3.82 3.08
CA THR A 60 -5.25 3.93 1.63
C THR A 60 -5.14 5.40 1.33
N LYS A 61 -4.93 5.70 0.06
CA LYS A 61 -4.88 7.06 -0.44
C LYS A 61 -6.34 7.51 -0.44
N ILE A 62 -6.52 8.79 -0.75
CA ILE A 62 -7.84 9.40 -0.83
C ILE A 62 -8.40 9.29 -2.25
N SER A 63 -9.66 8.89 -2.37
CA SER A 63 -10.29 8.80 -3.69
C SER A 63 -11.25 9.99 -3.74
N ARG A 64 -11.00 10.92 -4.65
CA ARG A 64 -11.78 12.16 -4.77
C ARG A 64 -13.18 12.11 -5.34
N LYS A 65 -14.08 12.87 -4.72
CA LYS A 65 -15.47 13.03 -5.14
C LYS A 65 -16.15 11.79 -5.71
N THR A 66 -16.43 10.81 -4.89
CA THR A 66 -17.08 9.61 -5.40
C THR A 66 -17.69 8.82 -4.26
N ARG A 67 -18.74 8.07 -4.58
CA ARG A 67 -19.39 7.22 -3.59
C ARG A 67 -19.06 5.78 -3.97
N ASN A 68 -18.36 5.62 -5.09
CA ASN A 68 -18.01 4.29 -5.58
C ASN A 68 -16.50 4.26 -5.92
N PRO A 69 -15.66 4.46 -4.90
CA PRO A 69 -14.21 4.48 -5.10
C PRO A 69 -13.58 3.12 -5.40
N THR A 70 -12.56 3.14 -6.22
CA THR A 70 -11.79 1.95 -6.52
C THR A 70 -10.42 2.28 -5.94
N PHE A 71 -9.89 1.39 -5.11
CA PHE A 71 -8.60 1.64 -4.47
C PHE A 71 -7.53 0.70 -4.97
N ASN A 72 -7.82 -0.60 -4.93
CA ASN A 72 -6.84 -1.59 -5.35
C ASN A 72 -5.53 -1.36 -4.62
N GLU A 73 -5.64 -1.12 -3.31
CA GLU A 73 -4.47 -0.89 -2.46
C GLU A 73 -4.30 -2.01 -1.46
N MET A 74 -3.06 -2.40 -1.25
CA MET A 74 -2.74 -3.48 -0.34
C MET A 74 -2.28 -2.94 1.00
N LEU A 75 -3.00 -3.28 2.06
CA LEU A 75 -2.60 -2.85 3.40
C LEU A 75 -1.84 -4.06 3.97
N VAL A 76 -0.69 -3.80 4.55
CA VAL A 76 0.20 -4.84 5.07
C VAL A 76 0.40 -4.79 6.56
N TYR A 77 0.27 -5.96 7.18
CA TYR A 77 0.50 -6.10 8.62
C TYR A 77 1.53 -7.20 8.80
N SER A 78 2.78 -6.83 9.06
CA SER A 78 3.80 -7.86 9.23
C SER A 78 4.25 -8.09 10.68
N GLY A 79 4.80 -9.27 10.93
CA GLY A 79 5.28 -9.59 12.26
C GLY A 79 4.26 -10.22 13.20
N TYR A 80 3.13 -10.65 12.67
CA TYR A 80 2.12 -11.29 13.48
C TYR A 80 2.06 -12.76 13.18
N SER A 81 1.91 -13.59 14.22
CA SER A 81 1.78 -15.02 14.04
C SER A 81 0.31 -15.26 13.81
N LYS A 82 -0.03 -16.40 13.23
CA LYS A 82 -1.41 -16.73 13.00
C LYS A 82 -2.13 -16.86 14.33
N GLU A 83 -1.40 -17.30 15.35
CA GLU A 83 -1.99 -17.49 16.67
C GLU A 83 -2.43 -16.14 17.25
N THR A 84 -1.57 -15.13 17.12
CA THR A 84 -1.87 -13.78 17.59
C THR A 84 -3.06 -13.17 16.83
N LEU A 85 -3.11 -13.40 15.52
CA LEU A 85 -4.17 -12.86 14.70
C LEU A 85 -5.54 -13.43 15.10
N ARG A 86 -5.59 -14.69 15.51
CA ARG A 86 -6.86 -15.28 15.93
C ARG A 86 -7.46 -14.52 17.11
N GLN A 87 -6.63 -13.76 17.82
CA GLN A 87 -7.14 -12.97 18.93
C GLN A 87 -7.12 -11.47 18.59
N ARG A 88 -7.36 -11.15 17.32
CA ARG A 88 -7.38 -9.77 16.84
C ARG A 88 -8.57 -9.56 15.89
N GLU A 89 -9.05 -8.32 15.83
CA GLU A 89 -10.14 -7.97 14.94
C GLU A 89 -9.65 -6.84 14.03
N LEU A 90 -10.04 -6.94 12.77
CA LEU A 90 -9.69 -5.94 11.77
C LEU A 90 -10.80 -4.89 11.80
N GLN A 91 -10.51 -3.73 12.38
CA GLN A 91 -11.49 -2.65 12.43
C GLN A 91 -11.25 -1.79 11.17
N LEU A 92 -12.16 -1.88 10.21
CA LEU A 92 -12.03 -1.12 8.99
C LEU A 92 -13.01 0.04 8.97
N SER A 93 -12.52 1.25 8.68
CA SER A 93 -13.36 2.44 8.64
C SER A 93 -13.18 3.20 7.32
N VAL A 94 -14.30 3.69 6.77
CA VAL A 94 -14.27 4.48 5.56
C VAL A 94 -14.66 5.87 6.03
N LEU A 95 -13.81 6.85 5.72
CA LEU A 95 -14.02 8.23 6.15
C LEU A 95 -13.89 9.13 4.95
N SER A 96 -14.50 10.30 5.01
CA SER A 96 -14.37 11.22 3.91
C SER A 96 -13.28 12.22 4.32
N ALA A 97 -12.28 12.40 3.46
CA ALA A 97 -11.22 13.37 3.77
C ALA A 97 -11.78 14.74 3.42
N GLU A 98 -11.78 15.62 4.41
CA GLU A 98 -12.31 16.99 4.26
C GLU A 98 -11.26 18.03 4.67
N SER A 99 -11.06 19.04 3.84
CA SER A 99 -10.06 20.05 4.15
C SER A 99 -10.57 21.28 4.91
N LEU A 100 -11.88 21.55 4.86
CA LEU A 100 -12.40 22.71 5.57
C LEU A 100 -13.30 22.38 6.76
N ARG A 101 -13.42 21.08 7.04
CA ARG A 101 -14.22 20.61 8.18
C ARG A 101 -13.62 19.26 8.58
N GLU A 102 -14.04 18.72 9.71
CA GLU A 102 -13.53 17.44 10.18
C GLU A 102 -13.81 16.31 9.20
N ASN A 103 -12.88 15.37 9.11
CA ASN A 103 -13.06 14.21 8.25
C ASN A 103 -14.24 13.52 8.91
N PHE A 104 -15.17 12.98 8.13
CA PHE A 104 -16.28 12.28 8.77
C PHE A 104 -16.44 10.83 8.33
N PHE A 105 -16.96 10.05 9.28
CA PHE A 105 -17.19 8.61 9.13
C PHE A 105 -18.31 8.30 8.14
N LEU A 106 -18.04 7.43 7.17
CA LEU A 106 -19.03 7.04 6.16
C LEU A 106 -19.61 5.66 6.51
N GLY A 107 -18.75 4.80 7.04
CA GLY A 107 -19.18 3.46 7.40
C GLY A 107 -17.98 2.58 7.70
N GLY A 108 -18.23 1.46 8.36
CA GLY A 108 -17.15 0.55 8.68
C GLY A 108 -17.64 -0.84 9.02
N ILE A 109 -16.70 -1.71 9.37
CA ILE A 109 -17.00 -3.08 9.74
C ILE A 109 -15.85 -3.68 10.55
N THR A 110 -16.19 -4.48 11.55
CA THR A 110 -15.18 -5.16 12.35
C THR A 110 -15.22 -6.65 12.01
N LEU A 111 -14.08 -7.18 11.59
CA LEU A 111 -13.96 -8.58 11.21
C LEU A 111 -12.98 -9.37 12.07
N PRO A 112 -13.48 -10.28 12.91
CA PRO A 112 -12.52 -11.05 13.73
C PRO A 112 -11.68 -11.92 12.80
N LEU A 113 -10.37 -11.79 12.86
CA LEU A 113 -9.51 -12.59 12.00
C LEU A 113 -9.70 -14.12 12.17
N LYS A 114 -10.21 -14.53 13.33
CA LYS A 114 -10.43 -15.95 13.60
C LYS A 114 -11.45 -16.53 12.61
N ASP A 115 -12.30 -15.67 12.04
CA ASP A 115 -13.29 -16.14 11.07
C ASP A 115 -12.70 -16.43 9.70
N PHE A 116 -11.42 -16.17 9.53
CA PHE A 116 -10.78 -16.40 8.25
C PHE A 116 -9.90 -17.65 8.18
N ASN A 117 -9.98 -18.37 7.08
CA ASN A 117 -9.09 -19.50 6.93
C ASN A 117 -7.84 -18.79 6.40
N LEU A 118 -6.92 -18.43 7.29
CA LEU A 118 -5.73 -17.72 6.85
C LEU A 118 -4.74 -18.58 6.09
N SER A 119 -5.18 -19.76 5.65
CA SER A 119 -4.30 -20.64 4.90
C SER A 119 -4.61 -20.48 3.41
N LYS A 120 -5.63 -19.67 3.12
CA LYS A 120 -6.04 -19.39 1.74
C LYS A 120 -6.38 -17.90 1.59
N GLU A 121 -6.74 -17.51 0.37
CA GLU A 121 -7.11 -16.14 0.08
C GLU A 121 -8.63 -16.05 0.04
N THR A 122 -9.21 -15.19 0.87
CA THR A 122 -10.65 -14.98 0.95
C THR A 122 -11.00 -13.66 0.27
N VAL A 123 -11.82 -13.73 -0.78
CA VAL A 123 -12.20 -12.54 -1.53
C VAL A 123 -13.72 -12.38 -1.51
N LYS A 124 -14.21 -11.29 -0.91
CA LYS A 124 -15.66 -11.06 -0.88
C LYS A 124 -16.10 -9.64 -0.52
N TRP A 125 -17.37 -9.35 -0.78
CA TRP A 125 -17.94 -8.05 -0.47
C TRP A 125 -18.50 -8.06 0.93
N TYR A 126 -18.30 -6.97 1.65
CA TYR A 126 -18.77 -6.84 3.03
C TYR A 126 -19.67 -5.61 3.13
N GLN A 127 -20.79 -5.76 3.81
CA GLN A 127 -21.71 -4.65 3.96
C GLN A 127 -21.20 -3.76 5.10
N LEU A 128 -21.18 -2.46 4.88
CA LEU A 128 -20.71 -1.53 5.92
C LEU A 128 -21.86 -1.15 6.85
N THR A 129 -21.53 -0.75 8.07
CA THR A 129 -22.56 -0.34 9.01
C THR A 129 -22.20 1.09 9.42
N ALA A 130 -23.09 1.76 10.16
CA ALA A 130 -22.79 3.13 10.57
C ALA A 130 -23.05 3.34 12.04
N GLY B 7 22.94 8.46 -6.00
CA GLY B 7 23.05 8.18 -4.58
C GLY B 7 23.23 6.70 -4.27
N SER B 8 23.96 6.38 -3.20
CA SER B 8 24.23 5.00 -2.81
C SER B 8 23.07 4.40 -2.01
N GLY B 9 23.29 3.20 -1.47
CA GLY B 9 22.28 2.51 -0.70
C GLY B 9 21.72 1.31 -1.48
N ALA B 10 20.87 0.52 -0.83
CA ALA B 10 20.30 -0.66 -1.49
C ALA B 10 18.85 -0.91 -1.06
N VAL B 11 18.03 -1.43 -1.97
CA VAL B 11 16.64 -1.68 -1.65
C VAL B 11 16.25 -3.13 -1.81
N LYS B 12 15.57 -3.69 -0.81
CA LYS B 12 15.13 -5.09 -0.88
C LYS B 12 13.68 -5.14 -1.37
N LEU B 13 13.46 -5.70 -2.54
CA LEU B 13 12.12 -5.78 -3.11
C LEU B 13 11.61 -7.19 -3.22
N SER B 14 10.31 -7.29 -3.45
CA SER B 14 9.65 -8.55 -3.65
C SER B 14 8.77 -8.28 -4.84
N VAL B 15 8.97 -9.04 -5.91
CA VAL B 15 8.18 -8.87 -7.12
C VAL B 15 7.43 -10.13 -7.52
N SER B 16 6.10 -10.06 -7.52
CA SER B 16 5.28 -11.20 -7.89
C SER B 16 4.11 -10.71 -8.73
N TYR B 17 3.43 -11.65 -9.35
CA TYR B 17 2.28 -11.34 -10.22
C TYR B 17 1.23 -12.42 -9.96
N ARG B 18 -0.02 -12.00 -9.83
CA ARG B 18 -1.10 -12.93 -9.57
C ARG B 18 -2.42 -12.29 -10.04
N ASN B 19 -3.33 -13.13 -10.54
CA ASN B 19 -4.64 -12.70 -11.01
C ASN B 19 -4.57 -11.38 -11.77
N GLY B 20 -3.62 -11.26 -12.69
CA GLY B 20 -3.48 -10.05 -13.47
C GLY B 20 -2.98 -8.82 -12.71
N THR B 21 -2.42 -9.02 -11.52
CA THR B 21 -1.93 -7.90 -10.73
C THR B 21 -0.45 -8.03 -10.35
N LEU B 22 0.32 -6.98 -10.64
CA LEU B 22 1.73 -6.97 -10.31
C LEU B 22 1.86 -6.39 -8.91
N PHE B 23 2.51 -7.14 -8.02
CA PHE B 23 2.74 -6.67 -6.65
C PHE B 23 4.22 -6.38 -6.44
N ILE B 24 4.54 -5.16 -6.00
CA ILE B 24 5.91 -4.75 -5.76
C ILE B 24 5.99 -4.44 -4.27
N MET B 25 6.56 -5.35 -3.49
CA MET B 25 6.64 -5.08 -2.06
C MET B 25 7.97 -4.45 -1.67
N VAL B 26 7.90 -3.22 -1.16
CA VAL B 26 9.09 -2.52 -0.73
C VAL B 26 9.32 -2.87 0.74
N MET B 27 10.36 -3.67 0.99
CA MET B 27 10.67 -4.14 2.33
C MET B 27 11.45 -3.17 3.20
N HIS B 28 12.74 -3.08 2.98
CA HIS B 28 13.52 -2.10 3.72
C HIS B 28 14.66 -1.60 2.85
N ILE B 29 15.33 -0.56 3.32
CA ILE B 29 16.41 0.04 2.57
C ILE B 29 17.56 0.29 3.52
N LYS B 30 18.78 0.17 3.01
CA LYS B 30 19.92 0.42 3.86
C LYS B 30 20.99 1.28 3.22
N ASP B 31 21.71 1.97 4.08
CA ASP B 31 22.84 2.80 3.68
C ASP B 31 22.53 3.97 2.75
N LEU B 32 21.45 4.69 3.01
CA LEU B 32 21.09 5.85 2.21
C LEU B 32 22.02 6.94 2.71
N VAL B 33 22.35 7.90 1.85
CA VAL B 33 23.23 8.96 2.31
C VAL B 33 22.83 10.32 1.75
N THR B 34 23.19 11.37 2.46
CA THR B 34 22.90 12.72 2.01
C THR B 34 24.21 13.48 1.87
N GLU B 35 24.16 14.63 1.21
CA GLU B 35 25.34 15.44 0.99
C GLU B 35 25.73 16.33 2.17
N ASP B 36 24.76 16.87 2.88
CA ASP B 36 25.07 17.71 4.02
C ASP B 36 25.20 16.87 5.28
N GLY B 37 25.17 15.55 5.13
CA GLY B 37 25.31 14.66 6.26
C GLY B 37 24.09 14.52 7.19
N ALA B 38 23.11 15.41 7.03
CA ALA B 38 21.89 15.37 7.84
C ALA B 38 21.02 14.16 7.50
N ASP B 39 20.32 13.62 8.49
CA ASP B 39 19.45 12.46 8.28
C ASP B 39 18.23 12.81 7.41
N PRO B 40 17.99 12.00 6.37
CA PRO B 40 16.88 12.19 5.43
C PRO B 40 15.56 11.58 5.94
N ASN B 41 14.46 11.88 5.24
CA ASN B 41 13.12 11.38 5.58
C ASN B 41 12.68 10.66 4.32
N PRO B 42 13.27 9.49 4.05
CA PRO B 42 12.93 8.73 2.84
C PRO B 42 11.57 8.12 2.62
N TYR B 43 11.20 8.10 1.34
CA TYR B 43 9.98 7.47 0.90
C TYR B 43 10.33 6.94 -0.48
N VAL B 44 9.62 5.91 -0.91
CA VAL B 44 9.88 5.29 -2.20
C VAL B 44 8.75 5.63 -3.16
N LYS B 45 9.13 5.86 -4.41
CA LYS B 45 8.17 6.21 -5.43
C LYS B 45 8.51 5.37 -6.66
N THR B 46 7.47 4.83 -7.29
CA THR B 46 7.66 4.05 -8.48
C THR B 46 6.77 4.50 -9.62
N TYR B 47 7.18 4.10 -10.82
CA TYR B 47 6.47 4.38 -12.07
C TYR B 47 6.68 3.15 -12.94
N LEU B 48 5.69 2.85 -13.79
CA LEU B 48 5.75 1.73 -14.70
C LEU B 48 5.94 2.37 -16.08
N LEU B 49 7.18 2.46 -16.54
CA LEU B 49 7.51 3.13 -17.81
C LEU B 49 7.55 2.26 -19.08
N PRO B 50 6.93 2.72 -20.18
CA PRO B 50 6.18 4.00 -20.30
C PRO B 50 4.83 3.97 -19.59
N ASP B 51 4.43 5.11 -19.04
CA ASP B 51 3.15 5.23 -18.34
C ASP B 51 2.16 5.80 -19.35
N THR B 52 1.56 4.90 -20.13
CA THR B 52 0.61 5.32 -21.16
C THR B 52 -0.59 6.07 -20.59
N HIS B 53 -1.15 5.54 -19.51
CA HIS B 53 -2.31 6.15 -18.89
C HIS B 53 -1.94 7.32 -17.98
N LYS B 54 -0.64 7.58 -17.79
CA LYS B 54 -0.23 8.67 -16.90
C LYS B 54 -0.89 8.40 -15.54
N THR B 55 -0.80 7.16 -15.07
CA THR B 55 -1.42 6.80 -13.81
C THR B 55 -0.65 5.80 -12.96
N SER B 56 0.62 5.58 -13.26
CA SER B 56 1.40 4.58 -12.52
C SER B 56 2.17 5.07 -11.30
N LYS B 57 1.96 6.31 -10.86
CA LYS B 57 2.68 6.80 -9.70
C LYS B 57 2.19 6.05 -8.45
N ARG B 58 3.14 5.50 -7.70
CA ARG B 58 2.87 4.80 -6.45
C ARG B 58 3.91 5.30 -5.45
N LYS B 59 3.54 5.39 -4.17
CA LYS B 59 4.50 5.81 -3.18
C LYS B 59 4.19 5.26 -1.81
N THR B 60 5.24 5.04 -1.04
CA THR B 60 5.13 4.53 0.32
C THR B 60 4.95 5.72 1.24
N LYS B 61 4.75 5.44 2.52
CA LYS B 61 4.65 6.48 3.54
C LYS B 61 6.07 7.01 3.66
N ILE B 62 6.22 8.08 4.43
CA ILE B 62 7.53 8.65 4.64
C ILE B 62 8.14 8.07 5.91
N SER B 63 9.39 7.64 5.85
CA SER B 63 10.04 7.12 7.06
C SER B 63 10.91 8.29 7.54
N ARG B 64 10.75 8.67 8.80
CA ARG B 64 11.45 9.81 9.39
C ARG B 64 12.89 9.64 9.87
N LYS B 65 13.71 10.68 9.62
CA LYS B 65 15.10 10.75 10.05
C LYS B 65 15.83 9.41 10.16
N THR B 66 16.13 8.81 9.02
CA THR B 66 16.80 7.51 9.02
C THR B 66 17.36 7.24 7.64
N ARG B 67 18.42 6.45 7.59
CA ARG B 67 19.07 6.06 6.33
C ARG B 67 18.86 4.56 6.12
N ASN B 68 18.21 3.93 7.08
CA ASN B 68 17.93 2.50 7.01
C ASN B 68 16.49 2.23 7.37
N PRO B 69 15.57 2.81 6.60
CA PRO B 69 14.14 2.63 6.87
C PRO B 69 13.59 1.27 6.47
N THR B 70 12.56 0.87 7.19
CA THR B 70 11.82 -0.36 6.93
C THR B 70 10.45 0.16 6.50
N PHE B 71 9.94 -0.34 5.38
CA PHE B 71 8.64 0.09 4.85
C PHE B 71 7.57 -0.99 4.95
N ASN B 72 7.89 -2.17 4.38
CA ASN B 72 6.96 -3.28 4.37
C ASN B 72 5.64 -2.80 3.79
N GLU B 73 5.73 -2.15 2.63
CA GLU B 73 4.54 -1.63 1.97
C GLU B 73 4.43 -2.23 0.60
N MET B 74 3.21 -2.61 0.23
CA MET B 74 3.00 -3.22 -1.05
C MET B 74 2.44 -2.20 -2.04
N LEU B 75 3.14 -2.02 -3.16
CA LEU B 75 2.69 -1.12 -4.22
C LEU B 75 1.98 -2.06 -5.23
N VAL B 76 0.80 -1.67 -5.67
CA VAL B 76 0.00 -2.50 -6.58
C VAL B 76 -0.25 -1.89 -7.96
N TYR B 77 -0.12 -2.71 -9.00
CA TYR B 77 -0.39 -2.27 -10.37
C TYR B 77 -1.35 -3.29 -10.97
N SER B 78 -2.62 -2.92 -11.09
CA SER B 78 -3.58 -3.86 -11.64
C SER B 78 -3.97 -3.53 -13.05
N GLY B 79 -4.59 -4.49 -13.73
CA GLY B 79 -5.02 -4.25 -15.10
C GLY B 79 -4.01 -4.50 -16.20
N TYR B 80 -2.78 -4.84 -15.86
CA TYR B 80 -1.75 -5.10 -16.88
C TYR B 80 -1.59 -6.59 -17.15
N SER B 81 -1.49 -6.96 -18.42
CA SER B 81 -1.28 -8.35 -18.80
C SER B 81 0.25 -8.54 -18.73
N LYS B 82 0.72 -9.77 -18.70
CA LYS B 82 2.15 -10.03 -18.64
C LYS B 82 2.87 -9.54 -19.90
N GLU B 83 2.21 -9.67 -21.04
CA GLU B 83 2.76 -9.26 -22.31
C GLU B 83 3.07 -7.76 -22.25
N THR B 84 2.11 -6.99 -21.74
CA THR B 84 2.31 -5.55 -21.62
C THR B 84 3.45 -5.27 -20.63
N LEU B 85 3.42 -5.95 -19.49
CA LEU B 85 4.46 -5.74 -18.48
C LEU B 85 5.86 -6.02 -19.00
N ARG B 86 5.98 -6.92 -19.96
CA ARG B 86 7.31 -7.23 -20.51
C ARG B 86 7.82 -6.08 -21.35
N GLN B 87 6.93 -5.17 -21.73
CA GLN B 87 7.32 -4.01 -22.50
C GLN B 87 7.47 -2.81 -21.55
N ARG B 88 7.46 -3.09 -20.25
CA ARG B 88 7.55 -2.02 -19.26
C ARG B 88 8.74 -2.20 -18.34
N GLU B 89 9.10 -1.12 -17.67
CA GLU B 89 10.17 -1.16 -16.70
C GLU B 89 9.78 -0.38 -15.48
N LEU B 90 10.09 -0.96 -14.33
CA LEU B 90 9.78 -0.37 -13.06
C LEU B 90 10.82 0.67 -12.71
N GLN B 91 10.42 1.95 -12.67
CA GLN B 91 11.35 3.00 -12.29
C GLN B 91 11.09 3.28 -10.82
N LEU B 92 12.08 3.00 -9.99
CA LEU B 92 11.98 3.20 -8.56
C LEU B 92 12.89 4.34 -8.16
N SER B 93 12.40 5.22 -7.29
CA SER B 93 13.18 6.37 -6.80
C SER B 93 12.99 6.51 -5.28
N VAL B 94 14.06 6.86 -4.58
CA VAL B 94 13.97 7.05 -3.16
C VAL B 94 14.25 8.54 -2.99
N LEU B 95 13.35 9.26 -2.34
CA LEU B 95 13.56 10.67 -2.11
C LEU B 95 13.42 11.01 -0.66
N SER B 96 13.94 12.17 -0.30
CA SER B 96 13.81 12.63 1.07
C SER B 96 12.67 13.67 1.09
N ALA B 97 11.69 13.48 1.95
CA ALA B 97 10.59 14.43 2.05
C ALA B 97 11.07 15.57 2.92
N GLU B 98 11.10 16.78 2.36
CA GLU B 98 11.58 17.96 3.10
C GLU B 98 10.48 19.02 3.16
N SER B 99 10.43 19.76 4.25
CA SER B 99 9.39 20.78 4.35
C SER B 99 9.85 22.22 4.12
N LEU B 100 11.15 22.47 4.23
CA LEU B 100 11.71 23.83 4.05
C LEU B 100 12.59 23.95 2.81
N ARG B 101 12.66 22.87 2.04
CA ARG B 101 13.45 22.83 0.82
C ARG B 101 12.80 21.77 -0.06
N GLU B 102 13.32 21.60 -1.27
CA GLU B 102 12.76 20.63 -2.18
C GLU B 102 13.09 19.19 -1.78
N ASN B 103 12.11 18.29 -1.96
CA ASN B 103 12.30 16.88 -1.70
C ASN B 103 13.50 16.53 -2.60
N PHE B 104 14.49 15.80 -2.12
CA PHE B 104 15.60 15.52 -3.01
C PHE B 104 15.88 14.05 -3.25
N PHE B 105 16.45 13.79 -4.42
CA PHE B 105 16.77 12.45 -4.84
C PHE B 105 17.84 11.79 -3.97
N LEU B 106 17.53 10.62 -3.41
CA LEU B 106 18.51 9.91 -2.58
C LEU B 106 19.13 8.79 -3.41
N GLY B 107 18.35 8.22 -4.31
CA GLY B 107 18.86 7.16 -5.15
C GLY B 107 17.74 6.49 -5.92
N GLY B 108 18.10 5.58 -6.81
CA GLY B 108 17.08 4.90 -7.57
C GLY B 108 17.61 3.78 -8.42
N ILE B 109 16.68 3.10 -9.09
CA ILE B 109 17.06 2.03 -9.97
C ILE B 109 15.90 1.80 -10.93
N THR B 110 16.23 1.39 -12.15
CA THR B 110 15.19 1.09 -13.13
C THR B 110 15.33 -0.38 -13.50
N LEU B 111 14.24 -1.13 -13.31
CA LEU B 111 14.22 -2.57 -13.56
C LEU B 111 13.26 -3.04 -14.66
N PRO B 112 13.79 -3.58 -15.76
CA PRO B 112 12.86 -4.04 -16.80
C PRO B 112 12.09 -5.24 -16.28
N LEU B 113 10.78 -5.25 -16.47
CA LEU B 113 9.98 -6.37 -15.98
C LEU B 113 10.19 -7.64 -16.78
N LYS B 114 10.82 -7.52 -17.95
CA LYS B 114 11.08 -8.68 -18.79
C LYS B 114 12.09 -9.60 -18.11
N ASP B 115 12.91 -9.06 -17.22
CA ASP B 115 13.91 -9.85 -16.51
C ASP B 115 13.36 -10.62 -15.31
N PHE B 116 12.05 -10.59 -15.09
CA PHE B 116 11.47 -11.29 -13.95
C PHE B 116 10.64 -12.48 -14.38
N ASN B 117 10.70 -13.54 -13.60
CA ASN B 117 9.90 -14.72 -13.88
C ASN B 117 8.62 -14.37 -13.13
N LEU B 118 7.65 -13.79 -13.84
CA LEU B 118 6.40 -13.38 -13.22
C LEU B 118 5.48 -14.49 -12.75
N SER B 119 5.91 -15.75 -12.87
CA SER B 119 5.07 -16.86 -12.40
C SER B 119 5.49 -17.29 -11.01
N LYS B 120 6.41 -16.52 -10.42
CA LYS B 120 6.91 -16.79 -9.08
C LYS B 120 7.22 -15.48 -8.37
N GLU B 121 7.61 -15.58 -7.09
CA GLU B 121 7.95 -14.42 -6.31
C GLU B 121 9.47 -14.25 -6.33
N THR B 122 9.94 -13.08 -6.76
CA THR B 122 11.37 -12.79 -6.82
C THR B 122 11.72 -11.85 -5.67
N VAL B 123 12.53 -12.31 -4.73
CA VAL B 123 12.91 -11.50 -3.59
C VAL B 123 14.41 -11.23 -3.61
N LYS B 124 14.81 -9.96 -3.66
CA LYS B 124 16.23 -9.66 -3.64
C LYS B 124 16.60 -8.21 -3.44
N TRP B 125 17.88 -7.98 -3.14
CA TRP B 125 18.41 -6.64 -2.91
C TRP B 125 18.91 -6.03 -4.21
N TYR B 126 18.74 -4.71 -4.34
CA TYR B 126 19.20 -4.00 -5.53
C TYR B 126 19.93 -2.75 -5.10
N GLN B 127 21.12 -2.56 -5.67
CA GLN B 127 21.92 -1.39 -5.35
C GLN B 127 21.36 -0.16 -6.04
N LEU B 128 21.33 0.94 -5.30
CA LEU B 128 20.81 2.19 -5.81
C LEU B 128 21.86 3.08 -6.51
N THR B 129 21.50 3.56 -7.69
CA THR B 129 22.33 4.49 -8.47
C THR B 129 21.57 5.78 -8.05
N ALA B 130 21.87 7.02 -8.47
CA ALA B 130 22.92 7.49 -9.37
C ALA B 130 22.51 7.31 -10.82
S SO4 C . -11.43 16.99 -6.38
O1 SO4 C . -11.65 16.89 -4.90
O2 SO4 C . -12.14 15.82 -7.01
O3 SO4 C . -12.03 18.32 -6.76
O4 SO4 C . -10.00 16.82 -6.71
S SO4 D . -5.72 -20.22 10.35
O1 SO4 D . -6.13 -21.65 10.50
O2 SO4 D . -6.85 -19.45 9.80
O3 SO4 D . -5.32 -19.66 11.67
O4 SO4 D . -4.56 -20.20 9.41
S SO4 E . -5.63 9.75 10.08
O1 SO4 E . -6.00 9.02 11.32
O2 SO4 E . -5.64 8.78 8.96
O3 SO4 E . -6.63 10.83 9.83
O4 SO4 E . -4.28 10.36 10.23
S SO4 F . 10.93 13.29 12.86
O1 SO4 F . 9.55 12.89 13.00
O2 SO4 F . 11.04 13.97 11.58
O3 SO4 F . 11.31 14.16 13.93
O4 SO4 F . 11.80 12.14 12.88
S SO4 G . 6.60 -14.59 -17.21
O1 SO4 G . 5.68 -15.31 -16.28
O2 SO4 G . 5.88 -13.53 -17.97
O3 SO4 G . 7.73 -13.97 -16.48
O4 SO4 G . 7.15 -15.60 -18.16
S SO4 H . 6.64 12.88 -4.86
O1 SO4 H . 6.51 11.57 -4.19
O2 SO4 H . 5.39 13.19 -5.61
O3 SO4 H . 6.84 13.96 -3.86
O4 SO4 H . 7.83 12.81 -5.75
#